data_6TFE
#
_entry.id   6TFE
#
_cell.length_a   57.350
_cell.length_b   59.440
_cell.length_c   190.070
_cell.angle_alpha   90.000
_cell.angle_beta   90.000
_cell.angle_gamma   90.000
#
_symmetry.space_group_name_H-M   'I 2 2 2'
#
loop_
_entity.id
_entity.type
_entity.pdbx_description
1 polymer 'Chains: A'
2 non-polymer 'MAGNESIUM ION'
3 non-polymer 'BROMIDE ION'
4 non-polymer 'SODIUM ION'
5 non-polymer "N6-Methyladenosine 5'-triphosphate"
6 water water
#
_entity_poly.entity_id   1
_entity_poly.type   'polyribonucleotide'
_entity_poly.pdbx_seq_one_letter_code
;GGCUUCAACAACCCCGUAGGUUGGGCCGAAAGGCAGCGAAUCUACUGGAGCC
;
_entity_poly.pdbx_strand_id   A
#
loop_
_chem_comp.id
_chem_comp.type
_chem_comp.name
_chem_comp.formula
A RNA linking ADENOSINE-5'-MONOPHOSPHATE 'C10 H14 N5 O7 P'
BR non-polymer 'BROMIDE ION' 'Br -1'
C RNA linking CYTIDINE-5'-MONOPHOSPHATE 'C9 H14 N3 O8 P'
G RNA linking GUANOSINE-5'-MONOPHOSPHATE 'C10 H14 N5 O8 P'
MG non-polymer 'MAGNESIUM ION' 'Mg 2'
N6E non-polymer 'N6-Methyladenosine 5'-triphosphate' 'C11 H18 N5 O13 P3'
NA non-polymer 'SODIUM ION' 'Na 1'
U RNA linking URIDINE-5'-MONOPHOSPHATE 'C9 H13 N2 O9 P'
#
# COMPACT_ATOMS: atom_id res chain seq x y z
MG MG B . -5.44 2.36 2.17
MG MG C . -4.59 8.87 -7.16
MG MG D . 10.69 -0.08 -4.42
MG MG E . -16.64 3.46 -9.26
MG MG F . -4.25 -2.55 2.67
MG MG G . -1.21 -3.11 -4.72
MG MG H . -7.02 -1.62 -26.68
MG MG I . -1.77 2.13 -13.60
MG MG J . 3.36 9.87 0.08
MG MG K . -12.29 1.48 -34.26
BR BR L . 1.14 -5.02 -14.78
BR BR M . 10.25 0.03 -10.75
NA NA N . -9.77 6.38 -5.10
NA NA O . -2.38 -0.03 -17.31
NA NA P . -8.79 5.11 -19.28
NA NA Q . -22.17 0.90 -33.17
C1 N6E R . 4.24 2.44 4.23
C2 N6E R . 4.85 3.67 3.97
C3 N6E R . 5.01 3.08 1.73
C4 N6E R . 4.05 1.55 3.14
C5 N6E R . 3.21 0.50 4.95
C6 N6E R . 3.05 -0.61 2.97
C7 N6E R . 3.79 -1.78 3.34
C8 N6E R . 2.93 -2.62 4.16
C9 N6E R . 1.56 -2.41 3.67
C10 N6E R . 0.54 -2.73 4.67
C11 N6E R . 5.80 5.89 4.73
N1 N6E R . 5.23 3.94 2.73
N2 N6E R . 4.46 1.91 1.97
N3 N6E R . 5.09 4.65 5.03
N4 N6E R . 3.66 1.71 5.44
N5 N6E R . 3.48 0.52 3.71
O1 N6E R . 4.14 -2.48 2.10
O2 N6E R . 3.34 -4.00 3.99
O3 N6E R . 1.52 -0.91 3.25
O4 N6E R . -0.48 -3.40 3.93
O5 N6E R . -2.07 -4.80 5.42
O6 N6E R . -2.97 -3.83 3.57
O7 N6E R . -2.41 -2.27 5.49
O8 N6E R . -4.86 -1.97 4.88
O9 N6E R . -4.23 -1.10 6.90
O10 N6E R . -4.33 -3.69 6.70
O11 N6E R . -6.70 -4.78 6.39
O12 N6E R . -4.86 -6.17 5.99
O13 N6E R . -5.41 -4.51 4.49
P1 N6E R . -1.97 -3.59 4.60
P2 N6E R . -3.97 -2.23 6.02
P3 N6E R . -5.30 -4.77 5.92
H1 N6E R . 5.27 3.30 0.86
H2 N6E R . 3.05 -0.26 5.46
H3 N6E R . 3.19 -0.41 2.03
H4 N6E R . 4.58 -1.55 3.84
H5 N6E R . 2.98 -2.40 5.09
H6 N6E R . 1.36 -3.00 2.93
H7 N6E R . 0.90 -3.32 5.36
H8 N6E R . 0.18 -1.93 5.09
H9 N6E R . 6.70 5.68 4.43
H10 N6E R . 5.34 6.37 4.04
H11 N6E R . 5.85 6.43 5.53
H12 N6E R . 4.80 4.50 5.83
H13 N6E R . 3.51 -2.41 1.52
H14 N6E R . 2.82 -4.38 3.46
#